data_4DAE
#
_entry.id   4DAE
#
_cell.length_a   135.352
_cell.length_b   135.352
_cell.length_c   56.801
_cell.angle_alpha   90.000
_cell.angle_beta   90.000
_cell.angle_gamma   120.000
#
_symmetry.space_group_name_H-M   'P 63 2 2'
#
loop_
_entity.id
_entity.type
_entity.pdbx_description
1 polymer 'Purine nucleoside phosphorylase deoD-type'
2 non-polymer 6-chloro-9-(beta-D-ribofuranosyl)-9H-purin-2-amine
3 non-polymer 'CHLORIDE ION'
4 non-polymer 'ACETATE ION'
5 non-polymer GLYCEROL
6 water water
#
_entity_poly.entity_id   1
_entity_poly.type   'polypeptide(L)'
_entity_poly.pdbx_seq_one_letter_code
;MGSSHHHHHHSSGLVPRGSHMSVHIGAEKGQIADTVLLPGDPLRAKFIAETYLENVECYNEVRGMYGFTGTYKGKKISVQ
GTGMGVPSISIYVNELIQSYDVQNLIRVGSCGAIRKDVKVRDVILAMTSSTDSQMNRVAFGSVDFAPCADFELLKNAYDA
AKDKGVPVTVGSVFTADQFYNDDSQIEKLAKYGVLGVEMETTALYTLAAKHGRKALSILTVSDHVLTGEETTAEERQTTF
HDMIDVALHSVSQ
;
_entity_poly.pdbx_strand_id   A
#
loop_
_chem_comp.id
_chem_comp.type
_chem_comp.name
_chem_comp.formula
6CR non-polymer 6-chloro-9-(beta-D-ribofuranosyl)-9H-purin-2-amine 'C10 H12 Cl N5 O4'
ACT non-polymer 'ACETATE ION' 'C2 H3 O2 -1'
CL non-polymer 'CHLORIDE ION' 'Cl -1'
GOL non-polymer GLYCEROL 'C3 H8 O3'
#
# COMPACT_ATOMS: atom_id res chain seq x y z
N MET A 21 -5.69 8.51 -21.40
CA MET A 21 -6.80 7.62 -21.91
C MET A 21 -7.86 7.38 -20.83
N SER A 22 -7.41 7.22 -19.58
CA SER A 22 -8.29 7.24 -18.39
C SER A 22 -8.24 8.64 -17.77
N VAL A 23 -9.32 9.08 -17.16
CA VAL A 23 -9.40 10.46 -16.68
C VAL A 23 -8.16 10.93 -15.92
N HIS A 24 -7.63 10.14 -14.98
CA HIS A 24 -6.56 10.63 -14.11
C HIS A 24 -5.14 10.15 -14.46
N ILE A 25 -5.02 9.21 -15.38
CA ILE A 25 -3.70 8.69 -15.73
C ILE A 25 -3.41 8.91 -17.22
N GLY A 26 -2.38 9.69 -17.53
CA GLY A 26 -2.06 10.03 -18.93
C GLY A 26 -1.29 8.98 -19.72
N ALA A 27 -1.47 7.70 -19.42
CA ALA A 27 -0.74 6.63 -20.12
C ALA A 27 -1.53 6.02 -21.29
N GLU A 28 -0.80 5.51 -22.28
CA GLU A 28 -1.43 4.88 -23.42
CA GLU A 28 -1.38 4.85 -23.45
C GLU A 28 -1.42 3.37 -23.17
N LYS A 29 -2.16 2.65 -23.99
CA LYS A 29 -2.28 1.20 -23.87
C LYS A 29 -0.88 0.62 -23.82
N GLY A 30 -0.62 -0.24 -22.83
CA GLY A 30 0.67 -0.95 -22.73
C GLY A 30 1.77 -0.35 -21.86
N GLN A 31 1.71 0.94 -21.58
CA GLN A 31 2.75 1.57 -20.75
C GLN A 31 2.78 1.07 -19.30
N ILE A 32 1.66 0.58 -18.80
CA ILE A 32 1.56 0.14 -17.42
C ILE A 32 1.63 -1.37 -17.30
N ALA A 33 2.53 -1.81 -16.41
CA ALA A 33 2.82 -3.21 -16.13
C ALA A 33 1.68 -3.91 -15.40
N ASP A 34 1.71 -5.25 -15.40
CA ASP A 34 0.74 -6.13 -14.73
C ASP A 34 0.73 -5.94 -13.22
N THR A 35 1.90 -5.59 -12.69
CA THR A 35 2.17 -5.42 -11.29
C THR A 35 2.53 -3.98 -11.04
N VAL A 36 1.79 -3.36 -10.12
CA VAL A 36 1.98 -1.97 -9.74
C VAL A 36 2.19 -1.83 -8.23
N LEU A 37 3.24 -1.12 -7.88
CA LEU A 37 3.53 -0.77 -6.49
C LEU A 37 2.85 0.54 -6.22
N LEU A 38 2.27 0.67 -5.03
CA LEU A 38 1.42 1.82 -4.75
C LEU A 38 1.80 2.63 -3.52
N PRO A 39 2.86 3.43 -3.62
CA PRO A 39 3.15 4.38 -2.54
C PRO A 39 2.10 5.47 -2.56
N GLY A 40 1.94 6.21 -1.46
CA GLY A 40 1.04 7.34 -1.44
C GLY A 40 1.65 8.59 -2.07
N ASP A 41 2.91 8.85 -1.73
CA ASP A 41 3.64 10.05 -2.14
C ASP A 41 4.18 9.85 -3.56
N PRO A 42 3.77 10.72 -4.50
CA PRO A 42 4.30 10.51 -5.86
C PRO A 42 5.84 10.70 -5.95
N LEU A 43 6.44 11.44 -5.01
CA LEU A 43 7.90 11.57 -4.95
C LEU A 43 8.59 10.28 -4.47
N ARG A 44 7.89 9.47 -3.68
CA ARG A 44 8.41 8.14 -3.34
C ARG A 44 8.26 7.18 -4.52
N ALA A 45 7.22 7.36 -5.33
CA ALA A 45 7.12 6.61 -6.60
C ALA A 45 8.37 6.83 -7.48
N LYS A 46 8.71 8.12 -7.69
CA LYS A 46 9.93 8.51 -8.41
C LYS A 46 11.15 7.85 -7.78
N PHE A 47 11.34 8.11 -6.49
CA PHE A 47 12.48 7.58 -5.75
C PHE A 47 12.62 6.10 -6.00
N ILE A 48 11.55 5.34 -5.75
CA ILE A 48 11.53 3.89 -5.93
C ILE A 48 11.93 3.46 -7.35
N ALA A 49 11.35 4.08 -8.35
CA ALA A 49 11.63 3.76 -9.76
C ALA A 49 13.11 3.98 -10.11
N GLU A 50 13.61 5.18 -9.78
CA GLU A 50 14.98 5.60 -10.07
CA GLU A 50 14.98 5.56 -10.14
C GLU A 50 15.99 4.70 -9.36
N THR A 51 15.63 4.28 -8.16
CA THR A 51 16.55 3.55 -7.31
C THR A 51 16.52 2.04 -7.54
N TYR A 52 15.38 1.47 -7.92
CA TYR A 52 15.24 0.00 -7.94
C TYR A 52 15.13 -0.57 -9.34
N LEU A 53 14.72 0.25 -10.29
CA LEU A 53 14.38 -0.28 -11.61
C LEU A 53 15.31 0.20 -12.74
N GLU A 54 15.46 -0.64 -13.76
CA GLU A 54 16.24 -0.30 -14.95
C GLU A 54 15.29 0.21 -16.05
N ASN A 55 15.81 0.98 -16.99
CA ASN A 55 15.08 1.38 -18.18
C ASN A 55 13.74 2.06 -17.85
N VAL A 56 13.81 3.05 -16.97
CA VAL A 56 12.65 3.69 -16.39
C VAL A 56 12.02 4.69 -17.34
N GLU A 57 10.71 4.58 -17.48
CA GLU A 57 9.88 5.55 -18.22
C GLU A 57 8.83 6.11 -17.28
N CYS A 58 8.59 7.41 -17.37
CA CYS A 58 7.47 8.04 -16.70
C CYS A 58 6.27 8.10 -17.66
N TYR A 59 5.24 7.32 -17.37
CA TYR A 59 4.03 7.31 -18.19
C TYR A 59 2.94 8.30 -17.73
N ASN A 60 3.14 9.00 -16.60
CA ASN A 60 2.11 9.91 -16.11
C ASN A 60 2.59 11.05 -15.24
N GLU A 61 2.12 12.25 -15.60
CA GLU A 61 2.44 13.48 -14.90
C GLU A 61 1.17 14.26 -14.53
N VAL A 62 0.01 13.75 -14.95
CA VAL A 62 -1.27 14.35 -14.60
C VAL A 62 -1.34 14.55 -13.06
N ARG A 63 -1.60 15.79 -12.68
CA ARG A 63 -1.72 16.20 -11.28
CA ARG A 63 -1.73 16.16 -11.27
C ARG A 63 -0.43 16.03 -10.46
N GLY A 64 0.69 15.76 -11.12
CA GLY A 64 1.96 15.55 -10.42
C GLY A 64 1.95 14.19 -9.72
N MET A 65 0.96 13.36 -10.07
CA MET A 65 0.80 12.09 -9.39
C MET A 65 1.54 11.05 -10.18
N TYR A 66 2.87 11.14 -10.09
CA TYR A 66 3.77 10.39 -10.99
C TYR A 66 3.55 8.92 -11.01
N GLY A 67 3.68 8.34 -12.21
CA GLY A 67 3.66 6.89 -12.40
C GLY A 67 4.80 6.52 -13.33
N PHE A 68 5.43 5.38 -13.07
CA PHE A 68 6.63 4.96 -13.78
C PHE A 68 6.58 3.49 -14.06
N THR A 69 7.23 3.10 -15.16
CA THR A 69 7.46 1.71 -15.51
C THR A 69 8.96 1.50 -15.81
N GLY A 70 9.47 0.39 -15.31
CA GLY A 70 10.84 -0.01 -15.50
C GLY A 70 10.87 -1.51 -15.34
N THR A 71 12.07 -2.06 -15.27
CA THR A 71 12.22 -3.48 -15.05
C THR A 71 13.04 -3.77 -13.78
N TYR A 72 12.77 -4.94 -13.22
CA TYR A 72 13.45 -5.41 -12.06
C TYR A 72 13.71 -6.88 -12.32
N LYS A 73 15.00 -7.23 -12.37
CA LYS A 73 15.49 -8.55 -12.76
C LYS A 73 14.79 -9.09 -14.02
N GLY A 74 14.65 -8.20 -15.02
CA GLY A 74 14.06 -8.55 -16.31
C GLY A 74 12.55 -8.46 -16.49
N LYS A 75 11.83 -8.16 -15.41
CA LYS A 75 10.36 -8.12 -15.44
C LYS A 75 9.84 -6.70 -15.30
N LYS A 76 8.88 -6.33 -16.14
CA LYS A 76 8.26 -5.00 -16.07
C LYS A 76 7.47 -4.86 -14.73
N ILE A 77 7.55 -3.67 -14.13
CA ILE A 77 6.97 -3.35 -12.81
C ILE A 77 6.67 -1.85 -12.93
N SER A 78 5.45 -1.44 -12.56
CA SER A 78 5.12 -0.02 -12.53
C SER A 78 5.01 0.41 -11.08
N VAL A 79 5.13 1.72 -10.85
CA VAL A 79 5.05 2.27 -9.53
C VAL A 79 4.24 3.51 -9.73
N GLN A 80 3.17 3.66 -8.94
CA GLN A 80 2.16 4.70 -9.15
C GLN A 80 1.73 5.32 -7.83
N GLY A 81 1.81 6.64 -7.76
CA GLY A 81 1.44 7.36 -6.57
C GLY A 81 -0.06 7.26 -6.45
N THR A 82 -0.57 7.16 -5.23
CA THR A 82 -2.02 7.05 -5.03
C THR A 82 -2.66 8.27 -4.44
N GLY A 83 -1.83 9.14 -3.84
CA GLY A 83 -2.33 10.17 -2.93
C GLY A 83 -2.77 9.58 -1.58
N MET A 84 -3.36 10.43 -0.75
CA MET A 84 -3.76 10.10 0.62
C MET A 84 -5.29 9.99 0.80
N GLY A 85 -5.70 8.89 1.44
CA GLY A 85 -7.10 8.70 1.76
C GLY A 85 -7.77 7.79 0.76
N VAL A 86 -8.85 7.15 1.21
CA VAL A 86 -9.65 6.22 0.42
C VAL A 86 -10.11 6.79 -0.91
N PRO A 87 -10.66 8.03 -0.92
CA PRO A 87 -11.15 8.57 -2.20
C PRO A 87 -10.03 8.73 -3.25
N SER A 88 -8.85 9.14 -2.81
CA SER A 88 -7.74 9.35 -3.77
C SER A 88 -7.24 8.04 -4.34
N ILE A 89 -6.83 7.10 -3.50
CA ILE A 89 -6.37 5.80 -4.02
C ILE A 89 -7.45 5.07 -4.86
N SER A 90 -8.72 5.23 -4.48
CA SER A 90 -9.82 4.58 -5.20
C SER A 90 -9.84 5.00 -6.66
N ILE A 91 -9.61 6.27 -6.88
CA ILE A 91 -9.50 6.77 -8.24
C ILE A 91 -8.42 6.00 -9.01
N TYR A 92 -7.21 5.93 -8.47
CA TYR A 92 -6.07 5.28 -9.15
C TYR A 92 -6.23 3.80 -9.29
N VAL A 93 -6.68 3.15 -8.23
CA VAL A 93 -6.91 1.70 -8.31
C VAL A 93 -7.96 1.36 -9.39
N ASN A 94 -9.08 2.09 -9.40
CA ASN A 94 -10.13 1.84 -10.38
C ASN A 94 -9.64 2.00 -11.82
N GLU A 95 -8.91 3.07 -12.09
CA GLU A 95 -8.42 3.30 -13.46
C GLU A 95 -7.34 2.29 -13.85
N LEU A 96 -6.46 1.94 -12.91
CA LEU A 96 -5.42 0.93 -13.23
C LEU A 96 -6.06 -0.40 -13.57
N ILE A 97 -7.06 -0.81 -12.79
CA ILE A 97 -7.78 -2.06 -13.07
C ILE A 97 -8.60 -2.00 -14.37
N GLN A 98 -9.47 -1.00 -14.48
CA GLN A 98 -10.47 -0.93 -15.57
C GLN A 98 -9.91 -0.51 -16.92
N SER A 99 -9.04 0.50 -16.93
CA SER A 99 -8.38 0.99 -18.14
C SER A 99 -7.09 0.27 -18.53
N TYR A 100 -6.29 -0.20 -17.57
CA TYR A 100 -5.00 -0.82 -17.91
C TYR A 100 -4.87 -2.26 -17.52
N ASP A 101 -5.97 -2.86 -17.06
CA ASP A 101 -6.02 -4.31 -16.83
C ASP A 101 -4.92 -4.83 -15.89
N VAL A 102 -4.46 -3.97 -15.00
CA VAL A 102 -3.52 -4.31 -13.95
C VAL A 102 -4.00 -5.49 -13.10
N GLN A 103 -3.09 -6.40 -12.76
CA GLN A 103 -3.43 -7.67 -12.12
C GLN A 103 -3.02 -7.73 -10.64
N ASN A 104 -1.87 -7.14 -10.31
CA ASN A 104 -1.32 -7.25 -8.98
C ASN A 104 -1.12 -5.84 -8.44
N LEU A 105 -1.71 -5.54 -7.30
CA LEU A 105 -1.63 -4.16 -6.80
C LEU A 105 -1.10 -4.18 -5.38
N ILE A 106 0.06 -3.58 -5.19
CA ILE A 106 0.74 -3.70 -3.91
C ILE A 106 1.01 -2.35 -3.34
N ARG A 107 0.28 -2.06 -2.27
CA ARG A 107 0.51 -0.82 -1.56
C ARG A 107 1.82 -0.97 -0.82
N VAL A 108 2.67 0.05 -0.92
CA VAL A 108 3.86 0.13 -0.09
C VAL A 108 3.84 1.48 0.61
N GLY A 109 3.50 1.49 1.89
CA GLY A 109 3.49 2.76 2.59
C GLY A 109 3.86 2.62 4.05
N SER A 110 3.43 3.59 4.84
CA SER A 110 3.62 3.46 6.29
C SER A 110 2.33 3.62 7.08
N CYS A 111 2.44 3.34 8.37
CA CYS A 111 1.30 3.46 9.24
C CYS A 111 1.84 3.83 10.62
N GLY A 112 0.98 4.39 11.47
CA GLY A 112 1.36 4.73 12.83
C GLY A 112 1.03 3.52 13.69
N ALA A 113 2.02 2.95 14.37
CA ALA A 113 1.78 1.76 15.20
C ALA A 113 0.91 2.19 16.36
N ILE A 114 -0.01 1.33 16.76
CA ILE A 114 -0.91 1.67 17.86
C ILE A 114 -0.79 0.67 19.03
N ARG A 115 0.16 -0.26 18.92
CA ARG A 115 0.51 -1.21 20.00
C ARG A 115 2.02 -1.24 20.24
N LYS A 116 2.42 -1.38 21.51
CA LYS A 116 3.85 -1.49 21.89
C LYS A 116 4.51 -2.72 21.31
N ASP A 117 3.77 -3.84 21.21
CA ASP A 117 4.34 -5.04 20.60
C ASP A 117 4.57 -4.96 19.08
N VAL A 118 4.22 -3.83 18.47
CA VAL A 118 4.59 -3.59 17.08
C VAL A 118 5.80 -2.70 17.08
N LYS A 119 6.91 -3.24 16.59
CA LYS A 119 8.23 -2.65 16.77
C LYS A 119 8.56 -1.73 15.63
N VAL A 120 9.39 -0.73 15.91
CA VAL A 120 9.75 0.25 14.86
C VAL A 120 10.36 -0.35 13.56
N ARG A 121 10.94 -1.55 13.64
CA ARG A 121 11.56 -2.16 12.47
C ARG A 121 10.70 -3.24 11.80
N ASP A 122 9.50 -3.48 12.33
CA ASP A 122 8.62 -4.49 11.75
C ASP A 122 8.03 -4.04 10.42
N VAL A 123 7.97 -4.99 9.50
CA VAL A 123 7.34 -4.78 8.22
C VAL A 123 5.98 -5.45 8.35
N ILE A 124 4.91 -4.68 8.12
CA ILE A 124 3.58 -5.19 8.36
C ILE A 124 2.95 -5.65 7.06
N LEU A 125 2.31 -6.82 7.12
CA LEU A 125 1.49 -7.36 6.04
C LEU A 125 0.04 -7.40 6.50
N ALA A 126 -0.82 -6.61 5.87
CA ALA A 126 -2.23 -6.50 6.31
C ALA A 126 -3.08 -7.60 5.72
N MET A 127 -3.56 -8.49 6.58
CA MET A 127 -4.54 -9.49 6.15
C MET A 127 -5.86 -8.80 5.78
N THR A 128 -6.15 -7.72 6.50
CA THR A 128 -7.43 -7.07 6.47
C THR A 128 -7.32 -5.68 7.11
N SER A 129 -8.36 -4.87 6.95
CA SER A 129 -8.39 -3.56 7.59
C SER A 129 -9.78 -3.18 8.05
N SER A 130 -9.82 -2.53 9.20
CA SER A 130 -11.01 -1.89 9.73
C SER A 130 -11.09 -0.48 9.12
N THR A 131 -12.22 0.19 9.25
CA THR A 131 -12.26 1.53 8.73
C THR A 131 -13.37 2.38 9.35
N ASP A 132 -13.21 3.71 9.29
CA ASP A 132 -14.33 4.61 9.54
C ASP A 132 -14.77 5.30 8.27
N SER A 133 -14.26 4.84 7.14
CA SER A 133 -14.78 5.28 5.83
C SER A 133 -16.17 4.70 5.61
N GLN A 134 -17.03 5.44 4.91
CA GLN A 134 -18.38 4.95 4.69
C GLN A 134 -18.48 4.18 3.40
N MET A 135 -17.37 4.05 2.69
CA MET A 135 -17.41 3.44 1.37
C MET A 135 -18.10 2.12 1.33
N ASN A 136 -17.89 1.28 2.35
CA ASN A 136 -18.50 -0.04 2.29
C ASN A 136 -19.94 -0.03 2.81
N ARG A 137 -20.22 0.79 3.82
CA ARG A 137 -21.61 1.03 4.25
C ARG A 137 -22.50 1.60 3.12
N VAL A 138 -21.92 2.40 2.22
CA VAL A 138 -22.66 2.91 1.06
C VAL A 138 -23.13 1.74 0.14
N ALA A 139 -22.24 0.76 -0.07
CA ALA A 139 -22.53 -0.41 -0.91
C ALA A 139 -23.34 -1.50 -0.22
N PHE A 140 -23.10 -1.72 1.07
CA PHE A 140 -23.68 -2.89 1.80
C PHE A 140 -24.70 -2.54 2.88
N GLY A 141 -24.71 -1.31 3.37
CA GLY A 141 -25.68 -0.88 4.36
C GLY A 141 -25.40 -1.52 5.71
N SER A 142 -26.27 -2.44 6.12
CA SER A 142 -26.14 -3.06 7.44
C SER A 142 -25.14 -4.21 7.55
N VAL A 143 -24.27 -4.37 6.55
CA VAL A 143 -23.20 -5.34 6.57
C VAL A 143 -21.89 -4.62 6.87
N ASP A 144 -21.13 -5.15 7.84
CA ASP A 144 -19.71 -4.83 8.02
C ASP A 144 -18.90 -5.65 7.00
N PHE A 145 -18.47 -5.04 5.89
CA PHE A 145 -17.65 -5.77 4.95
C PHE A 145 -16.18 -5.77 5.40
N ALA A 146 -15.62 -6.96 5.56
CA ALA A 146 -14.20 -7.10 5.88
C ALA A 146 -13.42 -7.38 4.59
N PRO A 147 -12.65 -6.39 4.13
CA PRO A 147 -11.76 -6.51 2.96
C PRO A 147 -10.70 -7.55 3.25
N CYS A 148 -10.16 -8.20 2.22
CA CYS A 148 -9.22 -9.32 2.41
C CYS A 148 -8.02 -9.20 1.46
N ALA A 149 -6.80 -9.30 2.00
CA ALA A 149 -5.59 -9.38 1.14
C ALA A 149 -5.71 -10.61 0.25
N ASP A 150 -5.11 -10.56 -0.93
CA ASP A 150 -4.92 -11.80 -1.68
C ASP A 150 -3.86 -12.67 -0.97
N PHE A 151 -4.24 -13.90 -0.63
CA PHE A 151 -3.37 -14.75 0.17
C PHE A 151 -2.07 -15.13 -0.55
N GLU A 152 -2.19 -15.44 -1.83
CA GLU A 152 -1.04 -15.73 -2.63
C GLU A 152 0.04 -14.65 -2.51
N LEU A 153 -0.30 -13.38 -2.71
CA LEU A 153 0.68 -12.30 -2.58
C LEU A 153 1.18 -12.21 -1.12
N LEU A 154 0.25 -12.33 -0.17
CA LEU A 154 0.62 -12.21 1.21
C LEU A 154 1.65 -13.25 1.57
N LYS A 155 1.36 -14.51 1.26
CA LYS A 155 2.25 -15.61 1.53
C LYS A 155 3.63 -15.40 0.87
N ASN A 156 3.65 -15.02 -0.42
CA ASN A 156 4.92 -14.76 -1.09
C ASN A 156 5.72 -13.70 -0.38
N ALA A 157 5.07 -12.57 -0.10
CA ALA A 157 5.72 -11.48 0.60
C ALA A 157 6.29 -11.96 1.96
N TYR A 158 5.48 -12.73 2.67
CA TYR A 158 5.87 -13.33 3.94
C TYR A 158 7.10 -14.25 3.79
N ASP A 159 7.04 -15.15 2.80
CA ASP A 159 8.13 -16.11 2.51
C ASP A 159 9.42 -15.38 2.18
N ALA A 160 9.33 -14.36 1.33
CA ALA A 160 10.48 -13.53 0.97
C ALA A 160 11.09 -12.81 2.19
N ALA A 161 10.25 -12.35 3.12
CA ALA A 161 10.73 -11.68 4.32
C ALA A 161 11.48 -12.70 5.16
N LYS A 162 10.84 -13.84 5.42
CA LYS A 162 11.44 -14.97 6.16
C LYS A 162 12.76 -15.48 5.60
N ASP A 163 12.81 -15.71 4.29
CA ASP A 163 14.01 -16.23 3.61
CA ASP A 163 14.01 -16.28 3.68
C ASP A 163 15.21 -15.30 3.80
N LYS A 164 14.93 -14.01 3.99
CA LYS A 164 15.98 -13.01 4.14
C LYS A 164 16.21 -12.64 5.63
N GLY A 165 15.22 -12.97 6.47
CA GLY A 165 15.25 -12.71 7.92
C GLY A 165 14.74 -11.33 8.30
N VAL A 166 14.06 -10.66 7.36
CA VAL A 166 13.39 -9.37 7.60
C VAL A 166 12.28 -9.62 8.62
N PRO A 167 12.28 -8.89 9.75
CA PRO A 167 11.20 -9.09 10.73
C PRO A 167 9.90 -8.63 10.12
N VAL A 168 8.89 -9.46 10.26
CA VAL A 168 7.63 -9.27 9.56
C VAL A 168 6.51 -9.64 10.54
N THR A 169 5.41 -8.86 10.53
CA THR A 169 4.23 -9.14 11.37
C THR A 169 2.99 -9.15 10.51
N VAL A 170 2.10 -10.09 10.79
CA VAL A 170 0.97 -10.29 9.94
C VAL A 170 -0.31 -10.11 10.77
N GLY A 171 -1.09 -9.07 10.41
CA GLY A 171 -2.34 -8.81 11.09
C GLY A 171 -3.13 -7.74 10.37
N SER A 172 -3.99 -7.06 11.14
CA SER A 172 -4.85 -6.04 10.57
C SER A 172 -4.41 -4.61 10.87
N VAL A 173 -4.96 -3.69 10.08
CA VAL A 173 -4.69 -2.26 10.23
C VAL A 173 -6.01 -1.52 10.23
N PHE A 174 -5.96 -0.23 10.50
CA PHE A 174 -7.13 0.59 10.49
C PHE A 174 -6.98 1.66 9.43
N THR A 175 -7.91 1.68 8.50
CA THR A 175 -7.94 2.69 7.47
C THR A 175 -8.84 3.85 7.92
N ALA A 176 -8.20 4.99 8.25
CA ALA A 176 -8.86 6.19 8.79
C ALA A 176 -9.11 7.21 7.70
N ASP A 177 -10.22 7.96 7.83
CA ASP A 177 -10.51 9.10 6.94
C ASP A 177 -9.88 10.36 7.47
N GLN A 178 -9.61 10.42 8.77
CA GLN A 178 -9.12 11.64 9.40
C GLN A 178 -7.78 11.44 10.09
N PHE A 179 -6.70 11.98 9.51
CA PHE A 179 -5.36 11.98 10.11
C PHE A 179 -5.43 12.64 11.48
N TYR A 180 -6.10 13.80 11.55
CA TYR A 180 -6.39 14.51 12.79
C TYR A 180 -7.83 14.23 13.18
N ASN A 181 -7.98 13.28 14.10
CA ASN A 181 -9.29 12.79 14.53
C ASN A 181 -9.54 13.11 16.03
N ASP A 182 -10.51 13.97 16.31
CA ASP A 182 -10.89 14.30 17.69
C ASP A 182 -11.70 13.15 18.34
N ASP A 183 -12.25 12.27 17.49
CA ASP A 183 -13.12 11.17 17.91
C ASP A 183 -12.44 9.84 17.61
N SER A 184 -11.10 9.86 17.63
CA SER A 184 -10.29 8.69 17.34
C SER A 184 -10.53 7.55 18.37
N GLN A 185 -10.79 6.36 17.83
CA GLN A 185 -11.06 5.14 18.57
C GLN A 185 -9.89 4.17 18.52
N ILE A 186 -8.71 4.68 18.16
CA ILE A 186 -7.55 3.81 18.01
C ILE A 186 -7.22 3.05 19.28
N GLU A 187 -7.58 3.61 20.42
CA GLU A 187 -7.31 2.95 21.69
C GLU A 187 -8.13 1.69 21.83
N LYS A 188 -9.41 1.76 21.52
CA LYS A 188 -10.21 0.55 21.50
C LYS A 188 -9.71 -0.45 20.41
N LEU A 189 -9.34 0.06 19.24
CA LEU A 189 -8.84 -0.78 18.14
C LEU A 189 -7.59 -1.59 18.52
N ALA A 190 -6.70 -0.95 19.27
CA ALA A 190 -5.45 -1.55 19.76
C ALA A 190 -5.70 -2.74 20.70
N LYS A 191 -6.71 -2.60 21.57
CA LYS A 191 -7.12 -3.67 22.49
C LYS A 191 -7.69 -4.86 21.71
N TYR A 192 -8.18 -4.61 20.51
CA TYR A 192 -8.73 -5.70 19.70
C TYR A 192 -7.65 -6.30 18.81
N GLY A 193 -6.40 -5.88 19.02
CA GLY A 193 -5.30 -6.47 18.32
C GLY A 193 -4.90 -5.78 17.03
N VAL A 194 -5.54 -4.66 16.72
CA VAL A 194 -5.23 -3.94 15.46
C VAL A 194 -3.83 -3.35 15.55
N LEU A 195 -3.06 -3.42 14.46
CA LEU A 195 -1.62 -3.10 14.54
C LEU A 195 -1.27 -1.65 14.38
N GLY A 196 -1.94 -0.97 13.45
CA GLY A 196 -1.62 0.42 13.12
C GLY A 196 -2.69 1.11 12.29
N VAL A 197 -2.51 2.42 12.08
CA VAL A 197 -3.44 3.27 11.38
C VAL A 197 -2.81 3.88 10.12
N GLU A 198 -3.55 3.82 9.02
CA GLU A 198 -3.13 4.39 7.76
C GLU A 198 -4.43 4.79 7.07
N MET A 199 -4.41 5.04 5.77
CA MET A 199 -5.55 5.70 5.14
C MET A 199 -5.93 5.22 3.74
N GLU A 200 -5.52 4.02 3.35
CA GLU A 200 -5.72 3.53 1.97
C GLU A 200 -6.12 2.05 1.85
N THR A 201 -5.67 1.22 2.78
CA THR A 201 -5.80 -0.24 2.58
C THR A 201 -7.22 -0.74 2.30
N THR A 202 -8.19 -0.29 3.09
CA THR A 202 -9.59 -0.69 2.86
C THR A 202 -10.03 -0.50 1.41
N ALA A 203 -9.70 0.63 0.82
CA ALA A 203 -10.07 0.91 -0.55
C ALA A 203 -9.32 -0.04 -1.48
N LEU A 204 -8.01 -0.15 -1.31
CA LEU A 204 -7.25 -1.03 -2.19
C LEU A 204 -7.86 -2.42 -2.17
N TYR A 205 -8.02 -3.00 -0.98
CA TYR A 205 -8.44 -4.42 -0.90
C TYR A 205 -9.86 -4.60 -1.39
N THR A 206 -10.71 -3.59 -1.17
CA THR A 206 -12.13 -3.74 -1.56
C THR A 206 -12.24 -3.66 -3.07
N LEU A 207 -11.62 -2.65 -3.66
CA LEU A 207 -11.70 -2.46 -5.12
C LEU A 207 -11.03 -3.58 -5.91
N ALA A 208 -9.89 -4.07 -5.43
CA ALA A 208 -9.23 -5.20 -6.11
C ALA A 208 -10.06 -6.47 -6.09
N ALA A 209 -10.59 -6.83 -4.93
CA ALA A 209 -11.45 -8.04 -4.87
C ALA A 209 -12.70 -7.94 -5.75
N LYS A 210 -13.33 -6.77 -5.77
CA LYS A 210 -14.55 -6.51 -6.55
C LYS A 210 -14.32 -6.80 -8.05
N HIS A 211 -13.09 -6.63 -8.51
CA HIS A 211 -12.77 -6.83 -9.92
C HIS A 211 -11.92 -8.05 -10.18
N GLY A 212 -11.81 -8.95 -9.21
CA GLY A 212 -11.01 -10.18 -9.38
C GLY A 212 -9.48 -9.99 -9.51
N ARG A 213 -8.95 -8.89 -9.01
CA ARG A 213 -7.49 -8.72 -8.99
C ARG A 213 -6.88 -9.08 -7.63
N LYS A 214 -5.54 -9.03 -7.56
CA LYS A 214 -4.80 -9.40 -6.34
C LYS A 214 -4.21 -8.19 -5.71
N ALA A 215 -4.46 -8.04 -4.40
CA ALA A 215 -3.95 -6.87 -3.68
C ALA A 215 -3.31 -7.23 -2.34
N LEU A 216 -2.33 -6.42 -1.95
CA LEU A 216 -1.60 -6.55 -0.70
C LEU A 216 -1.11 -5.16 -0.29
N SER A 217 -1.20 -4.85 1.00
CA SER A 217 -0.54 -3.66 1.55
C SER A 217 0.63 -4.08 2.39
N ILE A 218 1.79 -3.50 2.12
CA ILE A 218 2.94 -3.78 2.99
C ILE A 218 3.28 -2.45 3.64
N LEU A 219 3.47 -2.45 4.94
CA LEU A 219 3.61 -1.15 5.64
C LEU A 219 4.76 -1.12 6.65
N THR A 220 5.42 0.03 6.73
CA THR A 220 6.43 0.28 7.77
C THR A 220 5.81 1.20 8.83
N VAL A 221 6.55 1.44 9.91
CA VAL A 221 6.06 2.22 11.02
C VAL A 221 6.61 3.64 10.90
N SER A 222 5.71 4.62 10.78
CA SER A 222 6.09 6.02 10.76
C SER A 222 6.35 6.56 12.21
N ASP A 223 5.68 5.95 13.20
CA ASP A 223 5.68 6.39 14.58
C ASP A 223 4.78 5.49 15.42
N HIS A 224 4.83 5.67 16.73
CA HIS A 224 3.89 5.06 17.68
C HIS A 224 2.93 6.15 18.10
N VAL A 225 1.66 5.99 17.76
CA VAL A 225 0.68 7.08 17.88
C VAL A 225 0.30 7.32 19.35
N LEU A 226 0.26 6.23 20.12
CA LEU A 226 -0.21 6.32 21.50
C LEU A 226 0.91 6.67 22.48
N THR A 227 2.15 6.64 22.01
CA THR A 227 3.31 7.19 22.74
C THR A 227 3.89 8.48 22.09
N GLY A 228 3.48 8.78 20.84
CA GLY A 228 3.94 10.00 20.12
C GLY A 228 5.36 9.98 19.53
N GLU A 229 6.13 8.93 19.85
CA GLU A 229 7.53 8.85 19.41
C GLU A 229 7.68 8.60 17.88
N GLU A 230 8.44 9.47 17.22
CA GLU A 230 8.74 9.29 15.82
C GLU A 230 9.70 8.12 15.64
N THR A 231 9.61 7.44 14.51
CA THR A 231 10.71 6.59 14.11
C THR A 231 11.81 7.51 13.51
N THR A 232 13.08 7.21 13.80
CA THR A 232 14.21 8.02 13.31
C THR A 232 14.39 7.92 11.77
N ALA A 233 15.08 8.90 11.19
CA ALA A 233 15.36 8.92 9.75
C ALA A 233 16.04 7.63 9.30
N GLU A 234 16.95 7.13 10.14
CA GLU A 234 17.69 5.91 9.88
C GLU A 234 16.80 4.67 9.86
N GLU A 235 16.01 4.50 10.93
CA GLU A 235 15.01 3.45 10.98
C GLU A 235 14.09 3.50 9.75
N ARG A 236 13.60 4.68 9.40
CA ARG A 236 12.73 4.86 8.24
CA ARG A 236 12.72 4.86 8.24
C ARG A 236 13.39 4.44 6.92
N GLN A 237 14.66 4.82 6.74
CA GLN A 237 15.41 4.47 5.54
C GLN A 237 15.53 2.94 5.36
N THR A 238 15.78 2.27 6.45
CA THR A 238 15.96 0.82 6.48
C THR A 238 14.67 0.00 6.27
N THR A 239 13.61 0.31 7.00
CA THR A 239 12.34 -0.42 6.87
C THR A 239 11.73 -0.12 5.51
N PHE A 240 11.91 1.11 5.04
CA PHE A 240 11.48 1.44 3.71
C PHE A 240 12.11 0.51 2.67
N HIS A 241 13.43 0.44 2.70
CA HIS A 241 14.19 -0.39 1.78
C HIS A 241 13.82 -1.87 1.92
N ASP A 242 13.67 -2.36 3.15
CA ASP A 242 13.14 -3.74 3.36
C ASP A 242 11.76 -3.94 2.74
N MET A 243 10.90 -2.93 2.89
CA MET A 243 9.56 -3.02 2.33
C MET A 243 9.61 -3.16 0.80
N ILE A 244 10.41 -2.33 0.14
CA ILE A 244 10.55 -2.44 -1.31
C ILE A 244 11.07 -3.82 -1.69
N ASP A 245 12.17 -4.27 -1.06
CA ASP A 245 12.68 -5.63 -1.29
C ASP A 245 11.61 -6.70 -1.19
N VAL A 246 10.83 -6.68 -0.12
CA VAL A 246 9.76 -7.68 0.04
C VAL A 246 8.71 -7.55 -1.08
N ALA A 247 8.31 -6.31 -1.38
CA ALA A 247 7.37 -6.08 -2.48
C ALA A 247 7.87 -6.73 -3.79
N LEU A 248 9.13 -6.51 -4.15
CA LEU A 248 9.65 -7.01 -5.41
C LEU A 248 9.72 -8.56 -5.49
N HIS A 249 9.45 -9.26 -4.38
CA HIS A 249 9.37 -10.72 -4.41
C HIS A 249 8.00 -11.24 -3.98
N SER A 250 6.93 -10.56 -4.37
CA SER A 250 5.59 -10.96 -3.92
C SER A 250 4.71 -11.58 -5.03
N VAL A 251 5.08 -11.28 -6.27
CA VAL A 251 4.42 -11.81 -7.46
C VAL A 251 5.02 -13.17 -7.85
N SER A 252 4.13 -14.16 -8.02
CA SER A 252 4.41 -15.57 -8.44
C SER A 252 4.21 -16.59 -7.29
N1 6CR B . -1.54 8.06 10.69
C2 6CR B . -2.27 8.09 9.56
N3 6CR B . -1.70 7.81 8.35
C4 6CR B . -0.40 7.49 8.21
C5 6CR B . 0.44 7.44 9.42
C6 6CR B . -0.22 7.74 10.69
N7 6CR B . 1.67 7.09 9.05
C8 6CR B . 1.65 6.93 7.71
N9 6CR B . 0.42 7.15 7.21
C1' 6CR B . 0.11 7.10 5.79
CL1 6CR B . 0.71 7.77 12.23
C2' 6CR B . -1.38 7.12 5.47
O2' 6CR B . -1.76 5.93 4.77
N20 6CR B . -3.57 8.42 9.70
C3' 6CR B . -1.59 8.34 4.61
O3' 6CR B . -1.38 7.92 3.26
C4' 6CR B . -0.43 9.27 4.93
O4' 6CR B . 0.59 8.43 5.49
C5' 6CR B . -0.80 10.39 5.90
O5' 6CR B . 0.35 11.21 6.16
CL CL C . 2.14 5.94 2.93
C ACT D . 9.48 13.85 -13.45
O ACT D . 8.49 13.43 -14.08
OXT ACT D . 10.28 12.98 -13.05
CH3 ACT D . 9.70 15.33 -13.21
C1 GOL E . -12.09 5.58 -16.98
O1 GOL E . -11.48 6.81 -16.60
C2 GOL E . -12.02 4.50 -15.88
O2 GOL E . -10.95 3.63 -16.13
C3 GOL E . -13.29 3.66 -15.79
O3 GOL E . -13.32 2.98 -14.54
C1 GOL F . -9.82 -12.17 -0.92
O1 GOL F . -8.62 -12.13 -1.67
C2 GOL F . -10.78 -11.17 -1.52
O2 GOL F . -10.92 -11.65 -2.83
C3 GOL F . -12.13 -11.13 -0.77
O3 GOL F . -12.79 -9.85 -0.64
#